data_4EQZ
#
_entry.id   4EQZ
#
_cell.length_a   150.009
_cell.length_b   150.009
_cell.length_c   53.244
_cell.angle_alpha   90.000
_cell.angle_beta   90.000
_cell.angle_gamma   120.000
#
_symmetry.space_group_name_H-M   'P 65'
#
loop_
_entity.id
_entity.type
_entity.pdbx_description
1 polymer 'Histone-lysine N-methyltransferase, H3 lysine-79 specific'
2 non-polymer "5'-deoxy-5'-[(3-{[(4-methylphenyl)carbamoyl]amino}propyl)(propan-2-yl)amino]adenosine"
3 non-polymer 'UNKNOWN ATOM OR ION'
4 water water
#
_entity_poly.entity_id   1
_entity_poly.type   'polypeptide(L)'
_entity_poly.pdbx_seq_one_letter_code
;GMGEKLELRLKSPVGAEPAVYPWPLPVYDKHHDAAHEIIETIRWVCEEIPDLKLAMENYVLIDYDTKSFESMQRLCDKYN
RAIDSIHQLWKGTTQPMKLNTRPSTGLLRHILQQVYNHSVTDPEKLNNYEPFSPEVYGETSFDLVAQMIDEIKMTDDDLF
VDLGSGVGQVVLQVAAATNCKHHYGVEKADIPAKYAETMDREFRKWMKWYGKKHAEYTLERGDFLSEEWRERIANTSVIF
VNNFAFGPEVDHQLKERFANMKEGGRIVSSKPFAPLNFRINSRNLSDIGTIMRVVELSPLKGSVSWTGKPVSYYLHTIDR
TILENYFSSLKNPKLREEQEAARRRQQRESKSNAATPTKGPEGKVAGPADAPMDSGAEEEKAGAATVKKPSPSKARKKKL
NKKGRKMAGRKRGRPKKMNTA
;
_entity_poly.pdbx_strand_id   A
#
loop_
_chem_comp.id
_chem_comp.type
_chem_comp.name
_chem_comp.formula
AW0 non-polymer 5'-deoxy-5'-[(3-{[(4-methylphenyl)carbamoyl]amino}propyl)(propan-2-yl)amino]adenosine 'C24 H34 N8 O4'
UNX non-polymer 'UNKNOWN ATOM OR ION' ?
#
# COMPACT_ATOMS: atom_id res chain seq x y z
N LEU A 6 14.88 33.99 0.87
CA LEU A 6 15.34 33.14 -0.25
C LEU A 6 14.49 31.85 -0.31
N GLU A 7 14.05 31.47 -1.51
CA GLU A 7 13.21 30.29 -1.65
C GLU A 7 13.30 29.69 -3.06
N LEU A 8 12.78 28.47 -3.21
CA LEU A 8 12.80 27.78 -4.48
C LEU A 8 11.35 27.38 -4.73
N ARG A 9 10.95 27.36 -5.99
N ARG A 9 10.92 27.43 -5.99
CA ARG A 9 9.58 27.04 -6.33
CA ARG A 9 9.54 27.15 -6.40
C ARG A 9 9.57 26.12 -7.51
C ARG A 9 9.59 26.11 -7.50
N LEU A 10 8.63 25.18 -7.51
CA LEU A 10 8.42 24.29 -8.62
C LEU A 10 6.98 24.42 -9.05
N LYS A 11 6.80 24.70 -10.34
CA LYS A 11 5.47 24.76 -10.90
C LYS A 11 4.87 23.35 -11.07
N SER A 12 3.57 23.25 -10.81
CA SER A 12 2.83 22.03 -11.05
C SER A 12 2.66 21.76 -12.53
N PRO A 13 2.80 20.49 -12.96
CA PRO A 13 2.59 20.22 -14.37
C PRO A 13 1.17 20.45 -14.83
N VAL A 14 0.21 20.52 -13.91
CA VAL A 14 -1.18 20.76 -14.29
C VAL A 14 -1.76 22.04 -13.72
N GLY A 15 -0.93 23.02 -13.33
CA GLY A 15 -1.45 24.32 -12.89
C GLY A 15 -1.98 24.40 -11.46
N ALA A 16 -1.72 23.40 -10.63
CA ALA A 16 -1.99 23.57 -9.22
C ALA A 16 -1.00 24.60 -8.68
N GLU A 17 -1.18 25.00 -7.43
CA GLU A 17 -0.30 25.99 -6.82
CA GLU A 17 -0.30 25.97 -6.78
C GLU A 17 1.15 25.44 -6.76
N PRO A 18 2.12 26.35 -6.87
CA PRO A 18 3.48 25.84 -6.93
C PRO A 18 3.95 25.24 -5.59
N ALA A 19 4.87 24.30 -5.65
CA ALA A 19 5.55 23.80 -4.46
C ALA A 19 6.63 24.85 -4.09
N VAL A 20 6.69 25.24 -2.84
CA VAL A 20 7.57 26.35 -2.42
C VAL A 20 8.38 25.82 -1.27
N TYR A 21 9.70 25.89 -1.40
CA TYR A 21 10.62 25.44 -0.37
C TYR A 21 11.52 26.59 0.08
N PRO A 22 11.66 26.81 1.39
CA PRO A 22 12.59 27.83 1.88
C PRO A 22 14.06 27.43 1.69
N TRP A 23 14.93 28.42 1.47
CA TRP A 23 16.37 28.20 1.48
C TRP A 23 16.90 28.73 2.81
N PRO A 24 17.84 28.02 3.45
CA PRO A 24 18.36 26.69 3.10
C PRO A 24 17.31 25.57 3.23
N LEU A 25 17.44 24.58 2.34
CA LEU A 25 16.46 23.51 2.18
C LEU A 25 16.48 22.58 3.40
N PRO A 26 15.30 22.32 4.00
CA PRO A 26 15.26 21.43 5.16
C PRO A 26 15.74 20.01 4.91
N VAL A 27 16.18 19.37 5.98
CA VAL A 27 16.55 17.97 6.00
C VAL A 27 15.46 17.30 6.80
N TYR A 28 14.97 16.16 6.33
CA TYR A 28 13.90 15.40 7.01
C TYR A 28 14.46 14.32 7.94
N ASP A 29 15.43 13.55 7.47
CA ASP A 29 16.10 12.55 8.32
C ASP A 29 17.43 12.25 7.68
N LYS A 30 18.09 11.19 8.11
CA LYS A 30 19.45 10.93 7.67
C LYS A 30 19.55 10.59 6.20
N HIS A 31 18.47 10.13 5.60
CA HIS A 31 18.53 9.75 4.18
C HIS A 31 17.61 10.57 3.29
N HIS A 32 16.89 11.54 3.86
CA HIS A 32 15.96 12.36 3.08
C HIS A 32 16.05 13.84 3.40
N ASP A 33 16.08 14.65 2.35
CA ASP A 33 16.02 16.09 2.49
C ASP A 33 15.31 16.74 1.30
N ALA A 34 15.04 18.02 1.43
CA ALA A 34 14.22 18.74 0.47
C ALA A 34 14.91 18.88 -0.89
N ALA A 35 16.25 18.90 -0.89
CA ALA A 35 17.03 19.07 -2.12
C ALA A 35 16.83 17.91 -3.02
N HIS A 36 16.89 16.71 -2.48
N HIS A 36 16.96 16.71 -2.46
CA HIS A 36 16.67 15.53 -3.28
CA HIS A 36 16.67 15.45 -3.14
C HIS A 36 15.19 15.28 -3.55
C HIS A 36 15.21 15.38 -3.57
N GLU A 37 14.29 15.73 -2.67
CA GLU A 37 12.87 15.78 -3.00
C GLU A 37 12.60 16.65 -4.27
N ILE A 38 13.26 17.80 -4.38
CA ILE A 38 13.16 18.69 -5.56
C ILE A 38 13.69 17.99 -6.81
N ILE A 39 14.89 17.44 -6.71
CA ILE A 39 15.50 16.76 -7.83
C ILE A 39 14.63 15.60 -8.33
N GLU A 40 14.10 14.80 -7.40
CA GLU A 40 13.27 13.67 -7.77
C GLU A 40 11.90 14.09 -8.30
N THR A 41 11.32 15.17 -7.78
CA THR A 41 10.10 15.73 -8.33
C THR A 41 10.31 16.08 -9.80
N ILE A 42 11.37 16.84 -10.09
CA ILE A 42 11.68 17.19 -11.48
C ILE A 42 11.87 15.96 -12.34
N ARG A 43 12.66 14.98 -11.85
CA ARG A 43 12.84 13.72 -12.56
CA ARG A 43 12.84 13.71 -12.56
C ARG A 43 11.50 13.04 -12.85
N TRP A 44 10.62 12.97 -11.87
CA TRP A 44 9.32 12.31 -12.10
C TRP A 44 8.34 13.11 -12.97
N VAL A 45 8.34 14.44 -12.88
CA VAL A 45 7.49 15.20 -13.79
C VAL A 45 7.99 14.99 -15.21
N CYS A 46 9.30 14.88 -15.39
CA CYS A 46 9.84 14.59 -16.71
C CYS A 46 9.44 13.21 -17.26
N GLU A 47 9.23 12.21 -16.39
CA GLU A 47 8.66 10.91 -16.82
C GLU A 47 7.20 11.03 -17.15
N GLU A 48 6.47 11.89 -16.43
CA GLU A 48 5.07 12.12 -16.74
C GLU A 48 4.86 12.72 -18.11
N ILE A 49 5.81 13.55 -18.56
CA ILE A 49 5.67 14.35 -19.79
C ILE A 49 6.93 14.26 -20.62
N PRO A 50 6.92 13.39 -21.63
CA PRO A 50 8.05 13.22 -22.53
C PRO A 50 8.65 14.53 -23.08
N ASP A 51 7.78 15.43 -23.56
CA ASP A 51 8.24 16.73 -24.09
C ASP A 51 9.09 17.52 -23.10
N LEU A 52 8.77 17.42 -21.81
CA LEU A 52 9.59 18.07 -20.79
C LEU A 52 10.95 17.36 -20.71
N LYS A 53 10.93 16.03 -20.81
CA LYS A 53 12.19 15.26 -20.69
C LYS A 53 13.14 15.73 -21.76
N LEU A 54 12.62 15.87 -22.99
CA LEU A 54 13.39 16.39 -24.12
C LEU A 54 14.04 17.70 -23.79
N ALA A 55 13.25 18.66 -23.32
CA ALA A 55 13.74 20.02 -23.06
C ALA A 55 14.74 20.11 -21.88
N MET A 56 14.83 19.07 -21.04
CA MET A 56 15.69 19.07 -19.85
C MET A 56 16.96 18.20 -20.03
N GLU A 57 18.11 18.70 -19.56
CA GLU A 57 19.43 17.99 -19.67
C GLU A 57 19.80 17.29 -18.35
N TYR A 64 24.36 18.56 -10.07
CA TYR A 64 24.02 19.81 -9.41
C TYR A 64 24.52 19.79 -7.97
N ASP A 65 25.00 20.96 -7.54
CA ASP A 65 25.47 21.17 -6.20
C ASP A 65 24.26 21.57 -5.35
N THR A 66 23.77 20.62 -4.56
CA THR A 66 22.54 20.82 -3.77
C THR A 66 22.75 21.74 -2.55
N LYS A 67 24.00 22.14 -2.30
CA LYS A 67 24.30 23.09 -1.24
C LYS A 67 24.51 24.50 -1.76
N SER A 68 24.46 24.68 -3.07
CA SER A 68 24.53 26.05 -3.64
C SER A 68 23.17 26.55 -4.05
N PHE A 69 22.75 27.67 -3.48
CA PHE A 69 21.50 28.29 -3.89
C PHE A 69 21.45 28.60 -5.39
N GLU A 70 22.58 28.95 -6.01
CA GLU A 70 22.58 29.35 -7.41
C GLU A 70 22.48 28.14 -8.29
N SER A 71 23.14 27.07 -7.90
CA SER A 71 23.02 25.83 -8.64
C SER A 71 21.54 25.34 -8.62
N MET A 72 20.92 25.39 -7.45
CA MET A 72 19.57 24.84 -7.27
C MET A 72 18.51 25.76 -7.90
N GLN A 73 18.72 27.07 -7.82
CA GLN A 73 17.86 28.06 -8.48
C GLN A 73 17.89 27.87 -9.99
N ARG A 74 19.08 27.66 -10.54
CA ARG A 74 19.24 27.38 -11.98
C ARG A 74 18.49 26.10 -12.42
N LEU A 75 18.53 25.05 -11.61
CA LEU A 75 17.78 23.82 -11.95
C LEU A 75 16.28 24.13 -11.93
N CYS A 76 15.83 24.80 -10.89
CA CYS A 76 14.42 25.08 -10.73
C CYS A 76 13.88 26.00 -11.84
N ASP A 77 14.66 27.05 -12.17
CA ASP A 77 14.35 27.97 -13.28
C ASP A 77 14.27 27.22 -14.58
N LYS A 78 15.22 26.34 -14.84
CA LYS A 78 15.18 25.59 -16.08
C LYS A 78 13.90 24.70 -16.15
N TYR A 79 13.54 24.06 -15.04
CA TYR A 79 12.31 23.24 -14.98
C TYR A 79 11.08 24.12 -15.18
N ASN A 80 11.03 25.25 -14.50
CA ASN A 80 9.85 26.14 -14.59
C ASN A 80 9.62 26.75 -15.99
N ARG A 81 10.72 27.09 -16.67
CA ARG A 81 10.65 27.60 -18.04
C ARG A 81 10.19 26.52 -19.00
N ALA A 82 10.66 25.28 -18.80
CA ALA A 82 10.19 24.13 -19.57
C ALA A 82 8.71 23.85 -19.31
N ILE A 83 8.24 24.00 -18.08
CA ILE A 83 6.82 23.78 -17.77
C ILE A 83 5.93 24.85 -18.48
N ASP A 84 6.35 26.12 -18.42
CA ASP A 84 5.69 27.22 -19.16
C ASP A 84 5.64 26.90 -20.65
N SER A 85 6.75 26.48 -21.25
CA SER A 85 6.71 26.15 -22.68
C SER A 85 5.73 25.00 -22.96
N ILE A 86 5.73 23.96 -22.11
CA ILE A 86 4.82 22.83 -22.33
C ILE A 86 3.36 23.26 -22.21
N HIS A 87 3.06 24.11 -21.24
CA HIS A 87 1.73 24.65 -21.12
C HIS A 87 1.32 25.49 -22.36
N GLN A 88 2.26 26.22 -22.96
CA GLN A 88 1.97 26.95 -24.19
C GLN A 88 1.69 25.95 -25.30
N LEU A 89 2.50 24.90 -25.37
CA LEU A 89 2.30 23.83 -26.35
C LEU A 89 0.91 23.19 -26.29
N TRP A 90 0.42 22.99 -25.07
CA TRP A 90 -0.88 22.42 -24.88
C TRP A 90 -2.03 23.35 -25.28
N LYS A 91 -1.79 24.67 -25.30
CA LYS A 91 -2.80 25.60 -25.82
C LYS A 91 -2.84 25.57 -27.34
N GLY A 92 -1.81 25.05 -27.99
CA GLY A 92 -1.82 24.78 -29.42
C GLY A 92 -2.58 23.49 -29.75
N THR A 93 -2.09 22.74 -30.73
CA THR A 93 -2.80 21.53 -31.19
C THR A 93 -2.40 20.27 -30.41
N THR A 94 -1.19 20.24 -29.85
CA THR A 94 -0.76 19.18 -28.94
C THR A 94 -1.79 18.94 -27.85
N GLN A 95 -2.18 17.69 -27.65
CA GLN A 95 -3.16 17.36 -26.61
C GLN A 95 -2.44 17.48 -25.28
N PRO A 96 -3.13 18.03 -24.28
CA PRO A 96 -2.54 18.06 -22.95
C PRO A 96 -2.51 16.68 -22.27
N MET A 97 -1.67 16.53 -21.25
CA MET A 97 -1.57 15.30 -20.46
C MET A 97 -2.96 14.85 -19.99
N LYS A 98 -3.26 13.56 -20.18
CA LYS A 98 -4.50 12.96 -19.66
C LYS A 98 -4.55 13.20 -18.16
N LEU A 99 -5.67 13.73 -17.66
CA LEU A 99 -5.86 14.05 -16.24
C LEU A 99 -6.53 12.95 -15.39
N ASN A 100 -6.92 11.84 -16.01
CA ASN A 100 -7.72 10.82 -15.29
CA ASN A 100 -7.72 10.82 -15.31
C ASN A 100 -6.92 9.56 -14.96
N THR A 101 -5.59 9.65 -14.98
CA THR A 101 -4.77 8.44 -14.85
C THR A 101 -4.21 8.17 -13.46
N ARG A 102 -3.84 6.92 -13.26
CA ARG A 102 -3.19 6.46 -12.05
C ARG A 102 -1.70 6.66 -12.20
N PRO A 103 -1.00 6.87 -11.09
CA PRO A 103 0.46 7.05 -11.18
C PRO A 103 1.16 5.73 -11.42
N SER A 104 2.24 5.74 -12.18
CA SER A 104 3.12 4.58 -12.25
C SER A 104 3.66 4.25 -10.86
N THR A 105 4.12 3.02 -10.69
CA THR A 105 4.68 2.58 -9.42
C THR A 105 5.85 3.48 -8.98
N GLY A 106 6.73 3.83 -9.92
CA GLY A 106 7.87 4.73 -9.65
C GLY A 106 7.45 6.13 -9.15
N LEU A 107 6.45 6.70 -9.78
CA LEU A 107 6.00 8.00 -9.44
C LEU A 107 5.30 7.94 -8.07
N LEU A 108 4.48 6.90 -7.88
CA LEU A 108 3.79 6.71 -6.65
C LEU A 108 4.75 6.57 -5.50
N ARG A 109 5.83 5.83 -5.69
CA ARG A 109 6.82 5.70 -4.65
C ARG A 109 7.34 7.09 -4.23
N HIS A 110 7.64 7.93 -5.22
CA HIS A 110 8.12 9.29 -4.93
C HIS A 110 7.04 10.09 -4.19
N ILE A 111 5.80 10.00 -4.67
CA ILE A 111 4.72 10.74 -4.05
C ILE A 111 4.54 10.36 -2.60
N LEU A 112 4.51 9.05 -2.31
CA LEU A 112 4.35 8.61 -0.91
C LEU A 112 5.50 9.04 -0.03
N GLN A 113 6.71 9.02 -0.55
CA GLN A 113 7.87 9.49 0.21
C GLN A 113 7.75 11.01 0.53
N GLN A 114 7.38 11.77 -0.48
CA GLN A 114 7.13 13.20 -0.35
C GLN A 114 6.04 13.47 0.70
N VAL A 115 4.92 12.74 0.59
CA VAL A 115 3.83 12.89 1.56
C VAL A 115 4.27 12.61 3.00
N TYR A 116 5.09 11.57 3.15
CA TYR A 116 5.61 11.18 4.42
C TYR A 116 6.57 12.24 4.96
N ASN A 117 7.48 12.71 4.11
CA ASN A 117 8.42 13.80 4.47
C ASN A 117 7.68 14.97 5.08
N HIS A 118 6.63 15.41 4.42
CA HIS A 118 5.89 16.59 4.91
C HIS A 118 4.90 16.31 6.02
N SER A 119 4.59 15.03 6.31
CA SER A 119 3.54 14.69 7.28
C SER A 119 4.06 14.26 8.63
N VAL A 120 5.06 13.39 8.62
CA VAL A 120 5.59 12.83 9.85
C VAL A 120 6.73 13.71 10.33
N THR A 121 6.36 14.73 11.11
CA THR A 121 7.30 15.78 11.56
C THR A 121 8.41 15.21 12.45
N ASP A 122 8.01 14.38 13.42
N ASP A 122 8.02 14.40 13.45
CA ASP A 122 8.95 13.73 14.34
CA ASP A 122 8.98 13.72 14.32
C ASP A 122 8.86 12.20 14.19
C ASP A 122 8.86 12.20 14.18
N PRO A 123 9.72 11.61 13.33
CA PRO A 123 9.85 10.13 13.20
C PRO A 123 10.14 9.36 14.50
N GLU A 124 10.75 10.01 15.50
CA GLU A 124 11.03 9.38 16.80
C GLU A 124 9.74 9.01 17.59
N LYS A 125 8.71 9.86 17.53
CA LYS A 125 7.43 9.54 18.19
C LYS A 125 6.81 8.22 17.67
N LEU A 126 7.09 7.86 16.42
CA LEU A 126 6.59 6.61 15.85
C LEU A 126 7.26 5.36 16.40
N ASN A 127 8.55 5.45 16.74
CA ASN A 127 9.39 4.30 17.13
C ASN A 127 8.66 3.28 18.00
N ASN A 128 7.94 3.77 19.01
CA ASN A 128 7.26 2.90 19.98
C ASN A 128 6.04 2.14 19.46
N TYR A 129 5.65 2.42 18.21
CA TYR A 129 4.58 1.69 17.54
C TYR A 129 5.13 0.77 16.44
N GLU A 130 6.47 0.71 16.38
CA GLU A 130 7.16 -0.25 15.53
C GLU A 130 6.82 -1.68 15.98
N PRO A 131 6.90 -2.63 15.06
CA PRO A 131 7.30 -2.46 13.66
C PRO A 131 6.14 -2.08 12.71
N PHE A 132 6.42 -1.26 11.71
CA PHE A 132 5.45 -1.00 10.64
CA PHE A 132 5.46 -0.97 10.62
C PHE A 132 5.67 -1.93 9.45
N SER A 133 6.90 -2.45 9.31
CA SER A 133 7.28 -3.41 8.26
C SER A 133 8.16 -4.54 8.84
N PRO A 134 7.59 -5.31 9.79
CA PRO A 134 8.35 -6.36 10.46
C PRO A 134 8.76 -7.53 9.57
N GLU A 135 8.11 -7.67 8.41
CA GLU A 135 8.34 -8.84 7.54
C GLU A 135 9.59 -8.74 6.65
N VAL A 136 10.15 -7.54 6.54
CA VAL A 136 11.24 -7.26 5.59
C VAL A 136 12.38 -6.47 6.24
N TYR A 137 13.62 -6.92 6.04
CA TYR A 137 14.82 -6.26 6.59
C TYR A 137 15.19 -5.02 5.78
N GLY A 138 15.35 -3.88 6.45
CA GLY A 138 15.96 -2.69 5.79
C GLY A 138 15.17 -1.91 4.74
N GLU A 139 13.90 -2.24 4.55
CA GLU A 139 13.05 -1.50 3.60
C GLU A 139 11.60 -1.50 4.08
N THR A 140 10.75 -0.69 3.44
CA THR A 140 9.33 -0.70 3.75
C THR A 140 8.62 -1.78 2.89
N SER A 141 7.37 -2.06 3.25
CA SER A 141 6.59 -3.01 2.48
C SER A 141 6.29 -2.54 1.03
N PHE A 142 6.68 -1.30 0.67
CA PHE A 142 6.22 -0.68 -0.58
C PHE A 142 6.40 -1.54 -1.84
N ASP A 143 7.63 -1.97 -2.10
CA ASP A 143 7.94 -2.75 -3.31
C ASP A 143 7.20 -4.07 -3.27
N LEU A 144 7.13 -4.68 -2.09
CA LEU A 144 6.40 -5.93 -1.87
C LEU A 144 4.91 -5.73 -2.11
N VAL A 145 4.35 -4.68 -1.53
CA VAL A 145 2.93 -4.38 -1.81
C VAL A 145 2.70 -4.12 -3.29
N ALA A 146 3.62 -3.41 -3.96
CA ALA A 146 3.48 -3.16 -5.40
C ALA A 146 3.38 -4.46 -6.21
N GLN A 147 4.14 -5.49 -5.81
N GLN A 147 4.26 -5.40 -5.96
CA GLN A 147 3.94 -6.86 -6.35
CA GLN A 147 4.26 -6.60 -6.79
C GLN A 147 2.59 -7.45 -5.99
C GLN A 147 3.01 -7.43 -6.45
N MET A 148 2.25 -7.44 -4.71
N MET A 148 2.55 -7.36 -5.19
CA MET A 148 0.95 -7.97 -4.31
CA MET A 148 1.31 -8.05 -4.77
C MET A 148 -0.09 -7.42 -5.24
C MET A 148 0.02 -7.43 -5.35
N ILE A 149 -0.08 -6.11 -5.41
CA ILE A 149 -1.14 -5.43 -6.18
C ILE A 149 -1.25 -5.98 -7.60
N ASP A 150 -0.12 -6.30 -8.23
CA ASP A 150 -0.16 -6.85 -9.60
C ASP A 150 -0.56 -8.32 -9.67
N GLU A 151 -0.36 -9.09 -8.60
CA GLU A 151 -0.80 -10.49 -8.60
C GLU A 151 -2.29 -10.66 -8.26
N ILE A 152 -2.80 -9.81 -7.38
CA ILE A 152 -4.16 -9.94 -6.85
C ILE A 152 -5.09 -9.04 -7.66
N LYS A 153 -5.95 -9.60 -8.50
CA LYS A 153 -6.88 -8.79 -9.30
C LYS A 153 -7.96 -8.19 -8.39
N MET A 154 -8.11 -6.88 -8.42
CA MET A 154 -9.17 -6.22 -7.72
C MET A 154 -9.99 -5.43 -8.70
N THR A 155 -11.28 -5.30 -8.42
CA THR A 155 -12.19 -4.63 -9.33
C THR A 155 -13.08 -3.73 -8.51
N ASP A 156 -14.03 -3.06 -9.17
CA ASP A 156 -14.91 -2.15 -8.43
C ASP A 156 -16.01 -2.83 -7.62
N ASP A 157 -16.10 -4.14 -7.66
CA ASP A 157 -16.92 -4.86 -6.67
C ASP A 157 -16.19 -4.98 -5.31
N ASP A 158 -14.86 -4.83 -5.28
CA ASP A 158 -14.10 -5.11 -4.05
C ASP A 158 -14.12 -4.00 -3.02
N LEU A 159 -14.19 -4.36 -1.74
CA LEU A 159 -13.85 -3.48 -0.64
C LEU A 159 -12.52 -3.95 -0.01
N PHE A 160 -11.63 -2.99 0.29
CA PHE A 160 -10.27 -3.26 0.77
C PHE A 160 -10.06 -2.69 2.17
N VAL A 161 -9.35 -3.44 3.02
CA VAL A 161 -8.96 -2.92 4.33
C VAL A 161 -7.54 -3.36 4.65
N ASP A 162 -6.75 -2.43 5.21
CA ASP A 162 -5.48 -2.75 5.86
C ASP A 162 -5.74 -2.73 7.35
N LEU A 163 -5.66 -3.91 7.96
CA LEU A 163 -5.91 -4.08 9.39
C LEU A 163 -4.68 -3.68 10.18
N GLY A 164 -4.77 -2.55 10.87
CA GLY A 164 -3.62 -1.98 11.58
C GLY A 164 -2.80 -1.17 10.60
N SER A 165 -3.30 0.00 10.24
CA SER A 165 -2.79 0.72 9.04
C SER A 165 -1.62 1.70 9.23
N GLY A 166 -1.21 1.91 10.47
CA GLY A 166 -0.10 2.81 10.74
C GLY A 166 -0.46 4.24 10.36
N VAL A 167 0.43 4.89 9.63
CA VAL A 167 0.16 6.25 9.16
C VAL A 167 -0.58 6.23 7.84
N GLY A 168 -0.86 5.03 7.33
CA GLY A 168 -1.77 4.89 6.20
C GLY A 168 -1.13 4.59 4.87
N GLN A 169 0.17 4.37 4.88
CA GLN A 169 0.94 4.29 3.65
C GLN A 169 0.53 3.18 2.68
N VAL A 170 0.10 2.03 3.20
CA VAL A 170 -0.30 0.91 2.36
C VAL A 170 -1.69 1.16 1.78
N VAL A 171 -2.60 1.70 2.58
CA VAL A 171 -3.92 2.06 2.06
C VAL A 171 -3.78 3.04 0.90
N LEU A 172 -2.93 4.06 1.09
CA LEU A 172 -2.75 5.07 0.03
C LEU A 172 -2.18 4.47 -1.22
N GLN A 173 -1.20 3.57 -1.08
CA GLN A 173 -0.62 2.94 -2.23
C GLN A 173 -1.66 2.13 -3.01
N VAL A 174 -2.45 1.34 -2.30
CA VAL A 174 -3.42 0.49 -2.98
C VAL A 174 -4.51 1.36 -3.61
N ALA A 175 -4.94 2.41 -2.91
CA ALA A 175 -5.99 3.29 -3.45
C ALA A 175 -5.54 4.02 -4.73
N ALA A 176 -4.25 4.34 -4.79
CA ALA A 176 -3.68 4.97 -5.96
C ALA A 176 -3.65 4.00 -7.14
N ALA A 177 -3.47 2.71 -6.89
CA ALA A 177 -3.26 1.77 -7.98
C ALA A 177 -4.49 0.98 -8.39
N THR A 178 -5.55 0.88 -7.57
CA THR A 178 -6.61 -0.08 -7.92
C THR A 178 -7.96 0.57 -8.07
N ASN A 179 -8.92 -0.23 -8.53
N ASN A 179 -8.92 -0.19 -8.58
CA ASN A 179 -10.30 0.18 -8.79
CA ASN A 179 -10.28 0.31 -8.71
C ASN A 179 -11.31 -0.22 -7.71
C ASN A 179 -11.26 -0.40 -7.78
N CYS A 180 -10.85 -0.66 -6.53
CA CYS A 180 -11.78 -1.07 -5.48
C CYS A 180 -12.69 0.08 -5.22
N LYS A 181 -13.91 -0.24 -4.81
CA LYS A 181 -14.93 0.73 -4.52
C LYS A 181 -14.56 1.60 -3.34
N HIS A 182 -13.91 1.04 -2.33
CA HIS A 182 -13.45 1.83 -1.20
C HIS A 182 -12.30 1.09 -0.55
N HIS A 183 -11.38 1.87 0.02
CA HIS A 183 -10.20 1.39 0.68
C HIS A 183 -10.25 1.96 2.08
N TYR A 184 -10.01 1.14 3.10
CA TYR A 184 -9.98 1.59 4.49
C TYR A 184 -8.69 1.20 5.18
N GLY A 185 -8.28 2.05 6.12
CA GLY A 185 -7.29 1.68 7.11
C GLY A 185 -7.93 1.83 8.48
N VAL A 186 -7.54 0.96 9.41
CA VAL A 186 -7.96 1.07 10.80
C VAL A 186 -6.75 0.99 11.65
N GLU A 187 -6.61 1.96 12.55
CA GLU A 187 -5.43 2.08 13.38
C GLU A 187 -5.85 2.48 14.78
N LYS A 188 -5.28 1.81 15.79
CA LYS A 188 -5.71 2.00 17.17
C LYS A 188 -4.89 3.04 17.94
N ALA A 189 -3.61 3.18 17.65
CA ALA A 189 -2.75 4.03 18.45
C ALA A 189 -2.89 5.52 18.07
N ASP A 190 -2.83 6.40 19.06
CA ASP A 190 -3.11 7.83 18.87
CA ASP A 190 -3.10 7.84 18.90
C ASP A 190 -2.10 8.52 17.96
N ILE A 191 -0.82 8.30 18.21
CA ILE A 191 0.19 8.95 17.40
C ILE A 191 0.10 8.58 15.90
N PRO A 192 0.16 7.26 15.55
CA PRO A 192 0.01 6.98 14.10
C PRO A 192 -1.31 7.46 13.52
N ALA A 193 -2.41 7.34 14.26
CA ALA A 193 -3.71 7.78 13.75
C ALA A 193 -3.76 9.27 13.41
N LYS A 194 -3.10 10.08 14.24
CA LYS A 194 -3.05 11.51 14.07
C LYS A 194 -2.16 11.87 12.89
N TYR A 195 -0.99 11.22 12.78
CA TYR A 195 -0.20 11.37 11.57
C TYR A 195 -0.94 10.95 10.31
N ALA A 196 -1.80 9.93 10.38
CA ALA A 196 -2.63 9.48 9.25
C ALA A 196 -3.50 10.59 8.71
N GLU A 197 -4.00 11.42 9.61
CA GLU A 197 -4.87 12.54 9.21
C GLU A 197 -4.13 13.52 8.34
N THR A 198 -2.88 13.82 8.70
CA THR A 198 -2.02 14.67 7.87
C THR A 198 -1.61 13.96 6.57
N MET A 199 -1.22 12.68 6.67
CA MET A 199 -0.91 11.90 5.45
C MET A 199 -2.01 11.99 4.43
N ASP A 200 -3.25 11.91 4.90
CA ASP A 200 -4.40 11.97 4.02
C ASP A 200 -4.53 13.33 3.29
N ARG A 201 -4.44 14.44 4.02
CA ARG A 201 -4.50 15.79 3.38
C ARG A 201 -3.31 16.02 2.45
N GLU A 202 -2.11 15.68 2.89
CA GLU A 202 -0.93 15.81 2.04
C GLU A 202 -1.01 14.96 0.78
N PHE A 203 -1.48 13.71 0.92
CA PHE A 203 -1.63 12.83 -0.26
C PHE A 203 -2.54 13.40 -1.32
N ARG A 204 -3.72 13.84 -0.89
CA ARG A 204 -4.68 14.45 -1.79
C ARG A 204 -4.11 15.70 -2.49
N LYS A 205 -3.44 16.55 -1.72
CA LYS A 205 -2.74 17.74 -2.27
C LYS A 205 -1.70 17.36 -3.32
N TRP A 206 -0.80 16.44 -2.99
CA TRP A 206 0.28 16.09 -3.93
C TRP A 206 -0.23 15.33 -5.15
N MET A 207 -1.22 14.47 -4.98
CA MET A 207 -1.80 13.78 -6.14
C MET A 207 -2.47 14.78 -7.14
N LYS A 208 -3.18 15.77 -6.61
CA LYS A 208 -3.68 16.88 -7.44
C LYS A 208 -2.54 17.65 -8.13
N TRP A 209 -1.44 17.89 -7.42
CA TRP A 209 -0.28 18.61 -7.97
C TRP A 209 0.34 17.92 -9.17
N TYR A 210 0.41 16.58 -9.12
CA TYR A 210 0.92 15.80 -10.26
C TYR A 210 -0.13 15.51 -11.33
N GLY A 211 -1.38 15.84 -11.07
CA GLY A 211 -2.45 15.54 -12.01
C GLY A 211 -2.84 14.07 -12.05
N LYS A 212 -2.83 13.42 -10.88
CA LYS A 212 -3.05 11.96 -10.83
C LYS A 212 -4.26 11.61 -9.96
N LYS A 213 -4.92 10.52 -10.31
CA LYS A 213 -6.14 10.11 -9.64
C LYS A 213 -5.88 8.92 -8.69
N HIS A 214 -6.79 8.78 -7.73
CA HIS A 214 -6.78 7.66 -6.79
C HIS A 214 -8.23 7.27 -6.53
N ALA A 215 -8.45 6.00 -6.19
CA ALA A 215 -9.77 5.54 -5.73
C ALA A 215 -10.11 6.13 -4.38
N GLU A 216 -11.37 6.01 -3.99
N GLU A 216 -11.36 5.96 -3.98
CA GLU A 216 -11.83 6.53 -2.69
CA GLU A 216 -11.83 6.47 -2.71
C GLU A 216 -11.21 5.74 -1.54
C GLU A 216 -11.21 5.72 -1.53
N TYR A 217 -10.88 6.44 -0.46
CA TYR A 217 -10.34 5.81 0.72
C TYR A 217 -10.70 6.58 1.98
N THR A 218 -10.64 5.88 3.11
CA THR A 218 -10.83 6.46 4.43
C THR A 218 -9.87 5.84 5.43
N LEU A 219 -9.16 6.70 6.16
CA LEU A 219 -8.29 6.30 7.24
C LEU A 219 -9.00 6.55 8.58
N GLU A 220 -9.18 5.49 9.38
CA GLU A 220 -9.97 5.56 10.61
C GLU A 220 -9.17 5.23 11.87
N ARG A 221 -9.64 5.75 13.00
CA ARG A 221 -9.11 5.35 14.31
C ARG A 221 -9.99 4.22 14.77
N GLY A 222 -9.42 3.18 15.36
CA GLY A 222 -10.23 2.07 15.82
C GLY A 222 -9.40 0.85 16.14
N ASP A 223 -10.04 -0.16 16.70
CA ASP A 223 -9.37 -1.43 17.04
C ASP A 223 -10.06 -2.47 16.19
N PHE A 224 -9.32 -3.15 15.31
CA PHE A 224 -9.98 -4.08 14.38
C PHE A 224 -10.53 -5.34 15.06
N LEU A 225 -10.19 -5.55 16.34
CA LEU A 225 -10.76 -6.64 17.15
C LEU A 225 -12.08 -6.23 17.85
N SER A 226 -12.50 -4.98 17.68
CA SER A 226 -13.73 -4.51 18.31
C SER A 226 -14.93 -5.21 17.71
N GLU A 227 -16.09 -5.03 18.34
CA GLU A 227 -17.35 -5.62 17.90
C GLU A 227 -17.86 -5.05 16.58
N GLU A 228 -17.73 -3.75 16.41
CA GLU A 228 -18.08 -3.09 15.14
C GLU A 228 -17.29 -3.69 13.97
N TRP A 229 -15.99 -3.86 14.16
CA TRP A 229 -15.14 -4.39 13.09
C TRP A 229 -15.45 -5.86 12.73
N ARG A 230 -16.12 -6.56 13.63
CA ARG A 230 -16.54 -7.93 13.40
C ARG A 230 -17.34 -8.04 12.12
N GLU A 231 -18.39 -7.23 12.01
CA GLU A 231 -19.26 -7.27 10.84
C GLU A 231 -18.60 -6.61 9.63
N ARG A 232 -17.77 -5.60 9.89
CA ARG A 232 -17.03 -4.95 8.79
C ARG A 232 -16.03 -5.91 8.12
N ILE A 233 -15.29 -6.68 8.91
CA ILE A 233 -14.41 -7.74 8.33
C ILE A 233 -15.23 -8.73 7.53
N ALA A 234 -16.40 -9.11 8.05
CA ALA A 234 -17.28 -10.07 7.36
C ALA A 234 -17.70 -9.57 5.98
N ASN A 235 -17.88 -8.27 5.87
CA ASN A 235 -18.28 -7.67 4.58
C ASN A 235 -17.12 -7.09 3.72
N THR A 236 -15.86 -7.40 4.05
CA THR A 236 -14.71 -6.98 3.23
C THR A 236 -14.27 -8.11 2.29
N SER A 237 -14.02 -7.78 1.03
CA SER A 237 -13.60 -8.78 0.08
C SER A 237 -12.09 -8.96 -0.05
N VAL A 238 -11.31 -7.94 0.34
CA VAL A 238 -9.84 -8.01 0.28
C VAL A 238 -9.30 -7.40 1.58
N ILE A 239 -8.71 -8.24 2.42
CA ILE A 239 -8.08 -7.83 3.65
C ILE A 239 -6.56 -7.99 3.52
N PHE A 240 -5.81 -6.95 3.86
CA PHE A 240 -4.37 -7.05 3.95
C PHE A 240 -4.07 -6.94 5.43
N VAL A 241 -3.24 -7.84 5.97
CA VAL A 241 -2.86 -7.75 7.36
C VAL A 241 -1.43 -8.18 7.54
N ASN A 242 -0.62 -7.31 8.13
CA ASN A 242 0.82 -7.57 8.29
C ASN A 242 1.01 -8.19 9.67
N ASN A 243 0.82 -9.51 9.74
CA ASN A 243 0.67 -10.24 11.01
C ASN A 243 1.89 -11.01 11.49
N PHE A 244 3.00 -10.88 10.78
CA PHE A 244 4.20 -11.67 11.07
C PHE A 244 4.57 -11.65 12.55
N ALA A 245 4.52 -10.48 13.17
CA ALA A 245 4.91 -10.38 14.58
C ALA A 245 3.77 -10.46 15.55
N PHE A 246 2.55 -10.75 15.09
CA PHE A 246 1.44 -10.95 16.01
C PHE A 246 1.62 -12.24 16.81
N GLY A 247 1.14 -12.23 18.05
CA GLY A 247 1.13 -13.43 18.87
C GLY A 247 -0.10 -14.31 18.60
N PRO A 248 -0.13 -15.52 19.20
CA PRO A 248 -1.19 -16.54 19.17
C PRO A 248 -2.62 -16.04 19.36
N GLU A 249 -2.85 -15.19 20.35
CA GLU A 249 -4.20 -14.78 20.68
CA GLU A 249 -4.19 -14.76 20.72
C GLU A 249 -4.77 -13.81 19.65
N VAL A 250 -3.97 -12.87 19.17
CA VAL A 250 -4.45 -11.99 18.10
C VAL A 250 -4.71 -12.78 16.82
N ASP A 251 -3.79 -13.66 16.41
CA ASP A 251 -3.96 -14.48 15.19
C ASP A 251 -5.24 -15.34 15.34
N HIS A 252 -5.43 -15.92 16.52
CA HIS A 252 -6.65 -16.69 16.80
C HIS A 252 -7.92 -15.85 16.68
N GLN A 253 -7.93 -14.70 17.32
CA GLN A 253 -9.07 -13.78 17.20
C GLN A 253 -9.37 -13.40 15.74
N LEU A 254 -8.34 -13.25 14.93
CA LEU A 254 -8.51 -12.87 13.52
C LEU A 254 -9.13 -14.01 12.73
N LYS A 255 -8.65 -15.22 12.99
CA LYS A 255 -9.24 -16.41 12.37
C LYS A 255 -10.76 -16.47 12.59
N GLU A 256 -11.21 -16.14 13.80
CA GLU A 256 -12.67 -16.18 14.08
C GLU A 256 -13.40 -15.11 13.31
N ARG A 257 -12.77 -13.96 13.08
CA ARG A 257 -13.40 -12.92 12.25
C ARG A 257 -13.46 -13.31 10.79
N PHE A 258 -12.40 -13.95 10.30
CA PHE A 258 -12.34 -14.33 8.89
C PHE A 258 -13.37 -15.43 8.53
N ALA A 259 -13.73 -16.25 9.51
CA ALA A 259 -14.66 -17.37 9.30
C ALA A 259 -16.04 -16.91 8.90
N ASN A 260 -16.34 -15.63 9.14
CA ASN A 260 -17.57 -15.02 8.61
C ASN A 260 -17.48 -14.31 7.27
N MET A 261 -16.35 -14.41 6.57
CA MET A 261 -16.22 -13.74 5.26
C MET A 261 -16.97 -14.54 4.22
N LYS A 262 -17.30 -13.87 3.11
CA LYS A 262 -18.08 -14.47 2.01
C LYS A 262 -17.16 -15.23 1.12
N GLU A 263 -17.72 -16.18 0.37
CA GLU A 263 -16.96 -17.02 -0.55
C GLU A 263 -16.13 -16.18 -1.55
N GLY A 264 -14.90 -16.58 -1.85
CA GLY A 264 -14.02 -15.79 -2.71
C GLY A 264 -13.40 -14.54 -2.06
N GLY A 265 -13.76 -14.22 -0.83
CA GLY A 265 -13.04 -13.25 -0.02
C GLY A 265 -11.57 -13.62 0.07
N ARG A 266 -10.68 -12.61 0.09
CA ARG A 266 -9.24 -12.82 0.16
C ARG A 266 -8.56 -12.11 1.30
N ILE A 267 -7.55 -12.75 1.87
CA ILE A 267 -6.73 -12.20 2.91
C ILE A 267 -5.28 -12.37 2.43
N VAL A 268 -4.51 -11.28 2.40
CA VAL A 268 -3.09 -11.32 2.08
C VAL A 268 -2.34 -10.91 3.34
N SER A 269 -1.41 -11.75 3.77
CA SER A 269 -0.72 -11.53 5.02
C SER A 269 0.75 -11.87 4.90
N SER A 270 1.52 -11.55 5.95
CA SER A 270 2.94 -11.83 5.98
C SER A 270 3.27 -13.14 6.69
N LYS A 271 2.25 -13.76 7.29
CA LYS A 271 2.38 -15.07 7.91
C LYS A 271 1.07 -15.81 7.71
N PRO A 272 1.13 -17.07 7.26
CA PRO A 272 -0.13 -17.77 6.92
C PRO A 272 -1.01 -18.00 8.13
N PHE A 273 -2.32 -18.01 7.92
CA PHE A 273 -3.29 -18.26 8.98
C PHE A 273 -3.69 -19.75 9.06
N ALA A 274 -3.25 -20.56 8.09
CA ALA A 274 -3.47 -22.01 8.07
C ALA A 274 -2.29 -22.65 7.37
N PRO A 275 -2.05 -23.96 7.63
CA PRO A 275 -0.93 -24.61 6.92
C PRO A 275 -1.17 -24.64 5.45
N LEU A 276 -0.10 -24.66 4.66
CA LEU A 276 -0.20 -24.65 3.20
C LEU A 276 -0.81 -25.94 2.58
N ASN A 277 -0.67 -27.06 3.29
CA ASN A 277 -1.27 -28.32 2.81
C ASN A 277 -2.14 -28.94 3.88
N PHE A 278 -3.10 -28.15 4.34
CA PHE A 278 -4.06 -28.57 5.32
C PHE A 278 -4.81 -29.79 4.78
N ARG A 279 -4.97 -30.81 5.59
CA ARG A 279 -5.72 -32.01 5.21
C ARG A 279 -6.84 -32.14 6.23
N ILE A 280 -8.06 -32.07 5.74
CA ILE A 280 -9.22 -32.06 6.61
C ILE A 280 -9.48 -33.47 7.17
N ASN A 281 -9.78 -33.53 8.48
CA ASN A 281 -10.15 -34.79 9.13
C ASN A 281 -11.06 -34.50 10.34
N SER A 282 -11.49 -35.55 11.04
CA SER A 282 -12.55 -35.41 12.03
C SER A 282 -12.10 -34.67 13.30
N ARG A 283 -10.79 -34.51 13.50
CA ARG A 283 -10.29 -33.73 14.64
C ARG A 283 -10.06 -32.22 14.37
N ASN A 284 -9.93 -31.83 13.10
CA ASN A 284 -9.63 -30.42 12.77
C ASN A 284 -10.76 -29.69 12.00
N LEU A 285 -11.97 -30.24 12.08
CA LEU A 285 -13.17 -29.79 11.32
C LEU A 285 -13.58 -28.35 11.47
N SER A 286 -13.21 -27.79 12.61
CA SER A 286 -13.60 -26.44 12.90
CA SER A 286 -13.56 -26.43 13.01
C SER A 286 -12.46 -25.41 12.65
N ASP A 287 -11.22 -25.90 12.40
CA ASP A 287 -10.08 -25.01 12.01
C ASP A 287 -10.33 -24.23 10.69
N ILE A 288 -9.76 -23.02 10.62
CA ILE A 288 -9.92 -22.10 9.48
C ILE A 288 -9.46 -22.71 8.16
N GLY A 289 -8.54 -23.65 8.22
CA GLY A 289 -8.09 -24.38 7.03
C GLY A 289 -9.13 -25.17 6.25
N THR A 290 -10.26 -25.46 6.91
CA THR A 290 -11.37 -26.16 6.27
C THR A 290 -12.12 -25.26 5.27
N ILE A 291 -11.96 -23.95 5.38
CA ILE A 291 -12.68 -23.03 4.50
C ILE A 291 -11.79 -22.08 3.65
N MET A 292 -10.51 -22.41 3.46
CA MET A 292 -9.69 -21.53 2.63
C MET A 292 -8.56 -22.21 1.94
N ARG A 293 -8.32 -21.84 0.68
CA ARG A 293 -7.08 -22.21 -0.01
C ARG A 293 -6.02 -21.23 0.46
N VAL A 294 -4.83 -21.73 0.77
CA VAL A 294 -3.69 -20.91 1.18
C VAL A 294 -2.54 -21.19 0.24
N VAL A 295 -1.91 -20.14 -0.29
CA VAL A 295 -0.73 -20.28 -1.09
C VAL A 295 0.33 -19.25 -0.70
N GLU A 296 1.59 -19.67 -0.80
CA GLU A 296 2.72 -18.77 -0.70
C GLU A 296 2.93 -18.11 -2.05
N LEU A 297 2.84 -16.78 -2.08
CA LEU A 297 3.01 -16.05 -3.33
C LEU A 297 4.48 -15.97 -3.71
N SER A 298 4.72 -15.74 -4.99
CA SER A 298 6.06 -15.55 -5.53
C SER A 298 6.78 -14.45 -4.76
N PRO A 299 8.01 -14.73 -4.30
CA PRO A 299 8.73 -13.64 -3.67
C PRO A 299 9.37 -12.69 -4.70
N LEU A 300 9.60 -11.47 -4.25
CA LEU A 300 10.19 -10.44 -5.08
C LEU A 300 11.69 -10.57 -4.94
N LYS A 301 12.36 -10.90 -6.04
CA LYS A 301 13.82 -10.95 -6.08
C LYS A 301 14.39 -9.66 -5.53
N GLY A 302 15.45 -9.76 -4.77
CA GLY A 302 16.10 -8.53 -4.27
C GLY A 302 15.63 -8.12 -2.90
N SER A 303 14.37 -8.41 -2.55
CA SER A 303 13.86 -8.21 -1.17
C SER A 303 14.63 -9.12 -0.19
N VAL A 304 14.74 -8.72 1.08
CA VAL A 304 15.46 -9.54 2.06
C VAL A 304 14.58 -9.85 3.31
N SER A 305 14.32 -11.13 3.56
CA SER A 305 13.58 -11.58 4.74
C SER A 305 14.53 -11.79 5.91
N TRP A 306 13.98 -12.12 7.08
CA TRP A 306 14.80 -12.48 8.23
C TRP A 306 15.75 -13.65 7.89
N THR A 307 15.36 -14.54 6.99
CA THR A 307 16.23 -15.67 6.61
C THR A 307 17.36 -15.25 5.67
N GLY A 308 17.32 -14.01 5.15
CA GLY A 308 18.27 -13.58 4.12
C GLY A 308 17.76 -13.84 2.70
N LYS A 309 16.66 -14.58 2.56
CA LYS A 309 16.07 -14.93 1.26
C LYS A 309 14.92 -13.96 0.92
N PRO A 310 14.46 -14.00 -0.34
CA PRO A 310 13.41 -13.06 -0.73
C PRO A 310 12.11 -13.26 0.09
N VAL A 311 11.40 -12.17 0.35
CA VAL A 311 10.21 -12.20 1.17
C VAL A 311 9.03 -12.68 0.34
N SER A 312 8.22 -13.55 0.94
CA SER A 312 6.95 -14.00 0.34
C SER A 312 5.77 -13.61 1.24
N TYR A 313 4.67 -13.25 0.59
CA TYR A 313 3.41 -13.07 1.26
C TYR A 313 2.52 -14.31 1.06
N TYR A 314 1.38 -14.33 1.75
CA TYR A 314 0.48 -15.48 1.79
C TYR A 314 -0.92 -15.05 1.40
N LEU A 315 -1.47 -15.71 0.37
CA LEU A 315 -2.80 -15.44 -0.11
C LEU A 315 -3.80 -16.53 0.35
N HIS A 316 -4.85 -16.09 1.03
CA HIS A 316 -5.90 -16.96 1.50
C HIS A 316 -7.18 -16.62 0.76
N THR A 317 -7.80 -17.61 0.14
CA THR A 317 -9.07 -17.40 -0.56
C THR A 317 -10.18 -18.22 0.12
N ILE A 318 -11.24 -17.55 0.57
CA ILE A 318 -12.37 -18.23 1.20
C ILE A 318 -12.97 -19.13 0.14
N ASP A 319 -13.03 -20.44 0.42
CA ASP A 319 -13.49 -21.49 -0.53
C ASP A 319 -14.05 -22.69 0.29
N ARG A 320 -15.35 -22.72 0.47
CA ARG A 320 -15.96 -23.71 1.33
C ARG A 320 -16.21 -25.05 0.61
N THR A 321 -15.80 -25.16 -0.65
CA THR A 321 -15.91 -26.43 -1.36
C THR A 321 -15.00 -27.51 -0.74
N ILE A 322 -13.95 -27.10 -0.03
CA ILE A 322 -13.08 -28.04 0.67
C ILE A 322 -13.86 -28.83 1.76
N LEU A 323 -14.70 -28.13 2.49
CA LEU A 323 -15.49 -28.68 3.56
C LEU A 323 -16.66 -29.51 2.98
N GLU A 324 -17.35 -28.93 2.00
CA GLU A 324 -18.39 -29.61 1.24
C GLU A 324 -17.97 -30.96 0.74
N ASN A 325 -16.79 -31.03 0.14
CA ASN A 325 -16.25 -32.29 -0.36
C ASN A 325 -15.90 -33.30 0.73
N TYR A 326 -15.46 -32.81 1.88
CA TYR A 326 -15.24 -33.68 3.02
C TYR A 326 -16.55 -34.36 3.49
N PHE A 327 -17.60 -33.58 3.66
CA PHE A 327 -18.90 -34.10 4.05
C PHE A 327 -19.46 -35.06 2.99
N SER A 328 -19.29 -34.73 1.71
CA SER A 328 -19.71 -35.65 0.64
C SER A 328 -19.03 -36.98 0.76
N SER A 329 -17.77 -36.94 1.15
CA SER A 329 -16.98 -38.14 1.23
C SER A 329 -17.38 -38.98 2.45
N LEU A 330 -17.80 -38.34 3.54
CA LEU A 330 -18.30 -39.08 4.70
C LEU A 330 -19.61 -39.83 4.41
N LYS A 331 -20.36 -39.36 3.41
CA LYS A 331 -21.61 -40.00 3.04
C LYS A 331 -21.45 -41.23 2.16
N ASN A 332 -20.30 -41.32 1.50
CA ASN A 332 -20.01 -42.38 0.56
C ASN A 332 -19.15 -43.44 1.26
N PRO A 333 -19.69 -44.66 1.46
CA PRO A 333 -18.99 -45.67 2.26
C PRO A 333 -17.56 -46.00 1.81
N LYS A 334 -17.32 -46.06 0.50
CA LYS A 334 -15.94 -46.24 -0.02
C LYS A 334 -15.02 -45.10 0.40
N LEU A 335 -15.47 -43.88 0.12
CA LEU A 335 -14.67 -42.70 0.44
C LEU A 335 -14.54 -42.61 1.94
N ARG A 336 -15.60 -42.96 2.67
CA ARG A 336 -15.52 -42.93 4.11
C ARG A 336 -14.46 -43.88 4.63
N GLU A 337 -14.38 -45.09 4.08
N GLU A 337 -14.39 -45.10 4.07
CA GLU A 337 -13.40 -46.07 4.56
CA GLU A 337 -13.39 -46.09 4.50
C GLU A 337 -11.95 -45.62 4.25
C GLU A 337 -11.97 -45.58 4.25
N GLU A 338 -11.74 -45.06 3.06
CA GLU A 338 -10.45 -44.48 2.70
C GLU A 338 -10.01 -43.40 3.74
N GLN A 339 -10.82 -42.35 3.91
CA GLN A 339 -10.56 -41.35 4.96
C GLN A 339 -10.20 -41.98 6.30
N GLU A 340 -11.08 -42.87 6.78
CA GLU A 340 -10.88 -43.52 8.08
C GLU A 340 -9.60 -44.36 8.11
N ALA A 341 -9.17 -44.84 6.95
CA ALA A 341 -7.95 -45.64 6.81
C ALA A 341 -6.72 -44.82 7.18
N ALA A 342 -6.48 -43.76 6.40
CA ALA A 342 -5.37 -42.82 6.63
C ALA A 342 -5.28 -42.39 8.10
N ARG A 343 -6.32 -41.71 8.57
CA ARG A 343 -6.36 -41.15 9.92
C ARG A 343 -6.53 -42.24 10.98
N1 AW0 B . -6.26 -2.45 15.79
C2 AW0 B . -5.84 -1.38 15.02
N3 AW0 B . -4.47 -1.21 14.80
C4 AW0 B . -3.60 -2.11 15.29
C5 AW0 B . -4.04 -3.14 16.02
C6 AW0 B . -5.34 -3.29 16.27
N6 AW0 B . -5.71 -4.32 17.01
N7 AW0 B . -2.97 -3.86 16.38
C8 AW0 B . -1.88 -3.25 15.89
N9 AW0 B . -2.28 -2.18 15.18
CAA AW0 B . 1.23 -8.42 3.43
CAB AW0 B . 2.35 -4.42 11.40
CAC AW0 B . -0.04 -4.51 12.09
OAE AW0 B . 2.20 -2.86 6.54
OAF AW0 B . 0.49 1.28 13.93
OAG AW0 B . -0.59 0.31 16.08
CAI AW0 B . -0.29 -6.83 4.57
CAJ AW0 B . 1.90 -6.12 3.95
CAK AW0 B . -0.50 -5.57 5.11
CAL AW0 B . 1.69 -4.86 4.50
CAN AW0 B . 1.11 -0.71 9.16
CAO AW0 B . 1.42 -0.55 7.68
CAP AW0 B . 1.53 -2.10 9.67
CAQ AW0 B . 1.23 -1.92 12.19
NAU AW0 B . 0.55 -1.42 6.87
NAV AW0 B . 0.15 -3.36 5.64
OAW AW0 B . -0.89 -1.74 13.24
CAX AW0 B . 1.01 -2.59 6.37
CAY AW0 B . 0.94 -7.12 3.98
CBA AW0 B . 0.47 -4.56 5.08
CBD AW0 B . 0.89 -3.97 11.05
CBE AW0 B . 0.71 -0.18 14.08
CBF AW0 B . -0.19 -0.73 15.18
CBG AW0 B . 0.23 -0.91 12.80
CBH AW0 B . -1.43 -1.18 14.43
NBI AW0 B . 0.76 -2.49 10.90
UNK UNX C . 5.53 22.32 0.12
UNK UNX D . -16.21 -2.17 5.29
UNK UNX E . -7.83 -21.78 13.46
UNK UNX F . 2.11 0.31 -6.56
UNK UNX G . 3.06 8.03 -14.00
UNK UNX H . 4.59 -2.07 6.18
#